data_7B3S
#
_entry.id   7B3S
#
_cell.length_a   48.896
_cell.length_b   97.205
_cell.length_c   125.898
_cell.angle_alpha   90.000
_cell.angle_beta   90.000
_cell.angle_gamma   90.000
#
_symmetry.space_group_name_H-M   'P 21 21 21'
#
loop_
_entity.id
_entity.type
_entity.pdbx_description
1 polymer 'Beta-lactamase OXA-10'
2 non-polymer 'CARBON DIOXIDE'
3 non-polymer 'SULFATE ION'
4 non-polymer 'SODIUM ION'
5 water water
#
_entity_poly.entity_id   1
_entity_poly.type   'polypeptide(L)'
_entity_poly.pdbx_seq_one_letter_code
;MGSITENTSWNKEFSAEAVNGVFVLCKSSSKSCATNDLARASKEYLPA(DHA)TF(KCX)IPNAIIGLETGVIKNEHQVF
KWDGKPRAMKQWERDLTLRGAIQVSAVPVFQQIAREVGEVRMQKYLKKFSYGNQNISGGIDKFWLEGQLRISAVNQVEFL
ESLYLNKLSASKENQLIVKEALVTEAAPEYLVHSKTGFSGVGTESNPGVAWWVGWVEKETEVYFFAFNMDIDNESKLPLR
KSIPTKIMESEGIIG
;
_entity_poly.pdbx_strand_id   A,B
#
loop_
_chem_comp.id
_chem_comp.type
_chem_comp.name
_chem_comp.formula
CO2 non-polymer 'CARBON DIOXIDE' 'C O2'
NA non-polymer 'SODIUM ION' 'Na 1'
SO4 non-polymer 'SULFATE ION' 'O4 S -2'
#
# COMPACT_ATOMS: atom_id res chain seq x y z
N MET A 1 19.03 -14.77 -9.78
N MET A 1 19.22 -14.74 -9.91
CA MET A 1 18.54 -16.13 -9.82
CA MET A 1 18.57 -16.01 -9.65
C MET A 1 19.64 -17.14 -9.54
C MET A 1 19.58 -17.15 -9.55
N GLY A 2 19.52 -17.87 -8.44
CA GLY A 2 20.44 -18.96 -8.17
C GLY A 2 20.03 -20.22 -8.91
N SER A 3 18.95 -20.84 -8.45
CA SER A 3 18.49 -22.11 -9.00
C SER A 3 16.97 -22.07 -9.12
N ILE A 4 16.47 -22.69 -10.18
CA ILE A 4 15.04 -22.79 -10.45
C ILE A 4 14.65 -24.26 -10.36
N THR A 5 13.69 -24.57 -9.50
CA THR A 5 13.26 -25.94 -9.30
C THR A 5 11.85 -26.17 -9.81
N GLU A 6 11.64 -27.31 -10.46
CA GLU A 6 10.32 -27.64 -10.97
C GLU A 6 9.45 -28.22 -9.87
N ASN A 7 8.19 -27.78 -9.85
CA ASN A 7 7.19 -28.26 -8.90
C ASN A 7 5.98 -28.71 -9.71
N THR A 8 5.76 -30.01 -9.77
CA THR A 8 4.72 -30.60 -10.60
C THR A 8 3.32 -30.46 -10.02
N SER A 9 3.22 -30.21 -8.71
CA SER A 9 1.93 -30.24 -8.03
C SER A 9 1.03 -29.06 -8.37
N TRP A 10 1.52 -28.06 -9.11
CA TRP A 10 0.68 -26.95 -9.53
C TRP A 10 0.02 -27.19 -10.89
N ASN A 11 0.51 -28.18 -11.65
CA ASN A 11 0.03 -28.38 -13.01
C ASN A 11 -1.48 -28.55 -13.06
N LYS A 12 -2.07 -29.16 -12.02
CA LYS A 12 -3.51 -29.37 -12.00
C LYS A 12 -4.28 -28.05 -12.10
N GLU A 13 -3.70 -26.96 -11.58
CA GLU A 13 -4.37 -25.67 -11.64
C GLU A 13 -4.40 -25.12 -13.06
N PHE A 14 -3.43 -25.53 -13.90
CA PHE A 14 -3.38 -25.10 -15.30
C PHE A 14 -4.26 -25.99 -16.17
N SER A 15 -4.10 -27.31 -16.01
CA SER A 15 -4.80 -28.25 -16.87
C SER A 15 -6.30 -28.18 -16.68
N ALA A 16 -6.73 -27.93 -15.44
CA ALA A 16 -8.16 -27.78 -15.19
C ALA A 16 -8.79 -26.76 -16.12
N GLU A 17 -8.03 -25.72 -16.45
CA GLU A 17 -8.54 -24.62 -17.26
C GLU A 17 -8.01 -24.65 -18.69
N ALA A 18 -7.27 -25.70 -19.06
CA ALA A 18 -6.65 -25.80 -20.38
C ALA A 18 -5.75 -24.61 -20.70
N VAL A 19 -4.97 -24.17 -19.72
CA VAL A 19 -4.08 -23.02 -19.88
C VAL A 19 -2.65 -23.48 -20.10
N ASN A 20 -1.98 -22.89 -21.09
CA ASN A 20 -0.55 -23.00 -21.28
C ASN A 20 0.10 -21.76 -20.65
N GLY A 21 0.82 -21.95 -19.55
CA GLY A 21 1.42 -20.84 -18.88
C GLY A 21 2.46 -21.30 -17.89
N VAL A 22 2.97 -20.34 -17.11
CA VAL A 22 4.00 -20.64 -16.14
C VAL A 22 3.76 -19.77 -14.92
N PHE A 23 4.08 -20.33 -13.77
CA PHE A 23 4.11 -19.61 -12.51
C PHE A 23 5.50 -19.79 -11.92
N VAL A 24 6.09 -18.69 -11.48
CA VAL A 24 7.36 -18.68 -10.77
C VAL A 24 7.12 -18.09 -9.39
N LEU A 25 7.53 -18.81 -8.35
CA LEU A 25 7.31 -18.40 -6.98
C LEU A 25 8.61 -18.56 -6.21
N CYS A 26 9.06 -17.49 -5.55
CA CYS A 26 10.35 -17.50 -4.85
C CYS A 26 10.13 -17.00 -3.44
N LYS A 27 10.51 -17.80 -2.47
CA LYS A 27 10.44 -17.41 -1.07
C LYS A 27 11.75 -16.76 -0.65
N SER A 28 11.65 -15.58 -0.03
CA SER A 28 12.73 -14.84 0.62
C SER A 28 13.56 -14.07 -0.36
N SER A 29 13.89 -14.69 -1.49
CA SER A 29 14.82 -14.10 -2.44
C SER A 29 14.74 -14.87 -3.75
N SER A 30 15.33 -14.29 -4.78
CA SER A 30 15.38 -14.98 -6.06
C SER A 30 16.45 -16.07 -6.10
N LYS A 31 17.12 -16.35 -4.99
CA LYS A 31 18.11 -17.43 -4.99
C LYS A 31 17.45 -18.79 -5.16
N SER A 32 16.23 -18.97 -4.65
CA SER A 32 15.52 -20.25 -4.71
C SER A 32 14.12 -19.99 -5.23
N CYS A 33 13.87 -20.30 -6.50
CA CYS A 33 12.56 -20.18 -7.10
C CYS A 33 12.05 -21.56 -7.51
N ALA A 34 10.73 -21.65 -7.58
CA ALA A 34 10.07 -22.87 -8.01
C ALA A 34 9.12 -22.52 -9.13
N THR A 35 8.85 -23.50 -10.00
CA THR A 35 8.01 -23.21 -11.16
C THR A 35 7.36 -24.50 -11.62
N ASN A 36 6.28 -24.38 -12.39
CA ASN A 36 5.72 -25.58 -12.99
C ASN A 36 6.41 -25.98 -14.28
N ASP A 37 7.22 -25.10 -14.88
CA ASP A 37 7.74 -25.31 -16.24
C ASP A 37 9.11 -24.63 -16.33
N LEU A 38 10.18 -25.41 -16.24
CA LEU A 38 11.50 -24.80 -16.22
C LEU A 38 11.77 -24.01 -17.49
N ALA A 39 11.42 -24.58 -18.66
CA ALA A 39 11.70 -23.88 -19.90
C ALA A 39 10.91 -22.58 -19.99
N ARG A 40 9.60 -22.63 -19.72
CA ARG A 40 8.81 -21.42 -19.89
C ARG A 40 9.15 -20.36 -18.84
N ALA A 41 9.67 -20.75 -17.68
CA ALA A 41 10.03 -19.78 -16.66
C ALA A 41 10.99 -18.72 -17.21
N SER A 42 11.91 -19.11 -18.09
CA SER A 42 12.89 -18.19 -18.64
C SER A 42 12.57 -17.75 -20.07
N LYS A 43 11.46 -18.19 -20.62
CA LYS A 43 11.03 -17.69 -21.92
C LYS A 43 10.58 -16.23 -21.83
N GLU A 44 10.94 -15.44 -22.84
CA GLU A 44 10.73 -14.00 -22.79
C GLU A 44 9.50 -13.62 -23.61
N TYR A 45 8.63 -12.79 -23.02
CA TYR A 45 7.38 -12.35 -23.63
C TYR A 45 7.28 -10.84 -23.53
N LEU A 46 6.44 -10.28 -24.39
CA LEU A 46 6.13 -8.84 -24.30
C LEU A 46 5.62 -8.50 -22.90
N PRO A 47 6.14 -7.47 -22.23
CA PRO A 47 5.68 -7.18 -20.86
C PRO A 47 4.28 -6.59 -20.78
N ALA A 48 3.82 -5.91 -21.83
CA ALA A 48 2.52 -5.24 -21.79
C ALA A 48 2.53 -4.34 -20.53
N DHA A 49 1.36 -4.21 -19.91
CA DHA A 49 1.21 -3.38 -18.75
CB DHA A 49 0.20 -2.54 -18.70
C DHA A 49 2.17 -3.53 -17.57
O DHA A 49 2.25 -2.67 -16.77
N THR A 50 2.82 -4.68 -17.47
CA THR A 50 3.79 -4.85 -16.37
C THR A 50 4.95 -3.86 -16.54
N PHE A 51 5.09 -3.33 -17.76
CA PHE A 51 6.12 -2.33 -18.03
C PHE A 51 5.83 -1.00 -17.35
N KCX A 52 4.61 -0.81 -16.85
CA KCX A 52 4.29 0.42 -16.17
CB KCX A 52 2.80 0.48 -15.83
CG KCX A 52 1.94 0.72 -17.11
CD KCX A 52 0.48 1.04 -16.85
CE KCX A 52 -0.27 1.37 -18.17
NZ KCX A 52 -0.16 0.25 -19.15
C KCX A 52 5.17 0.53 -14.92
O KCX A 52 5.38 1.63 -14.44
CX KCX A 52 0.66 0.29 -20.23
OQ1 KCX A 52 0.72 -0.68 -21.01
OQ2 KCX A 52 1.37 1.26 -20.49
N ILE A 53 5.61 -0.58 -14.37
CA ILE A 53 6.45 -0.54 -13.15
C ILE A 53 7.79 0.17 -13.48
N PRO A 54 8.62 -0.36 -14.38
CA PRO A 54 9.84 0.40 -14.68
C PRO A 54 9.56 1.76 -15.26
N ASN A 55 8.51 1.87 -16.08
CA ASN A 55 8.22 3.16 -16.70
C ASN A 55 7.94 4.22 -15.65
N ALA A 56 7.24 3.88 -14.58
CA ALA A 56 6.97 4.84 -13.51
C ALA A 56 8.25 5.22 -12.76
N ILE A 57 9.10 4.23 -12.45
CA ILE A 57 10.36 4.55 -11.76
C ILE A 57 11.20 5.50 -12.61
N ILE A 58 11.31 5.20 -13.91
CA ILE A 58 12.11 6.03 -14.80
C ILE A 58 11.50 7.42 -14.95
N GLY A 59 10.17 7.49 -15.06
CA GLY A 59 9.52 8.78 -15.05
C GLY A 59 9.89 9.62 -13.83
N LEU A 60 9.93 9.00 -12.66
CA LEU A 60 10.25 9.74 -11.45
C LEU A 60 11.72 10.10 -11.44
N GLU A 61 12.58 9.15 -11.81
CA GLU A 61 14.02 9.40 -11.74
C GLU A 61 14.42 10.56 -12.65
N THR A 62 13.80 10.65 -13.83
CA THR A 62 14.10 11.67 -14.81
C THR A 62 13.42 12.99 -14.50
N GLY A 63 12.52 13.01 -13.54
CA GLY A 63 11.71 14.19 -13.23
C GLY A 63 10.57 14.42 -14.19
N VAL A 64 10.32 13.52 -15.13
CA VAL A 64 9.15 13.66 -16.00
C VAL A 64 7.89 13.58 -15.17
N ILE A 65 7.87 12.66 -14.21
CA ILE A 65 6.85 12.62 -13.15
C ILE A 65 7.40 13.39 -11.97
N LYS A 66 6.73 14.46 -11.57
CA LYS A 66 7.33 15.38 -10.61
C LYS A 66 7.45 14.75 -9.21
N ASN A 67 6.40 14.07 -8.75
CA ASN A 67 6.37 13.41 -7.43
C ASN A 67 5.07 12.59 -7.38
N GLU A 68 4.79 11.96 -6.22
CA GLU A 68 3.67 11.02 -6.25
C GLU A 68 2.33 11.72 -6.17
N HIS A 69 2.31 13.04 -6.02
CA HIS A 69 1.06 13.77 -6.04
C HIS A 69 0.82 14.41 -7.40
N GLN A 70 1.67 14.16 -8.38
CA GLN A 70 1.39 14.58 -9.75
C GLN A 70 0.03 14.08 -10.21
N VAL A 71 -0.74 14.97 -10.83
CA VAL A 71 -1.98 14.59 -11.49
C VAL A 71 -1.77 14.59 -13.00
N PHE A 72 -2.14 13.49 -13.64
CA PHE A 72 -2.07 13.35 -15.10
C PHE A 72 -3.42 13.80 -15.64
N LYS A 73 -3.46 15.02 -16.18
CA LYS A 73 -4.70 15.63 -16.61
C LYS A 73 -5.17 15.02 -17.93
N TRP A 74 -6.47 14.80 -18.03
CA TRP A 74 -7.06 14.32 -19.27
C TRP A 74 -7.42 15.53 -20.14
N ASP A 75 -6.90 15.58 -21.38
CA ASP A 75 -7.11 16.69 -22.31
C ASP A 75 -8.50 16.70 -22.95
N GLY A 76 -9.38 15.80 -22.54
CA GLY A 76 -10.72 15.74 -23.08
C GLY A 76 -10.87 14.98 -24.39
N LYS A 77 -9.76 14.54 -25.00
N LYS A 77 -9.79 14.55 -24.99
CA LYS A 77 -9.82 13.83 -26.27
CA LYS A 77 -9.92 13.85 -26.26
C LYS A 77 -10.09 12.34 -26.03
C LYS A 77 -10.04 12.35 -26.07
N PRO A 78 -10.70 11.66 -27.00
CA PRO A 78 -11.09 10.26 -26.75
C PRO A 78 -9.91 9.36 -26.45
N ARG A 79 -10.10 8.49 -25.47
CA ARG A 79 -9.13 7.45 -25.11
C ARG A 79 -9.77 6.09 -25.24
N ALA A 80 -8.93 5.07 -25.35
CA ALA A 80 -9.45 3.76 -25.76
C ALA A 80 -10.38 3.14 -24.73
N MET A 81 -10.28 3.53 -23.46
CA MET A 81 -11.20 3.07 -22.42
C MET A 81 -11.80 4.25 -21.70
N LYS A 82 -13.10 4.17 -21.38
CA LYS A 82 -13.72 5.27 -20.66
C LYS A 82 -13.08 5.49 -19.29
N GLN A 83 -12.53 4.43 -18.71
CA GLN A 83 -11.91 4.55 -17.39
C GLN A 83 -10.62 5.35 -17.45
N TRP A 84 -10.08 5.60 -18.64
CA TRP A 84 -8.92 6.48 -18.80
C TRP A 84 -9.30 7.94 -19.05
N GLU A 85 -10.57 8.24 -19.32
CA GLU A 85 -10.99 9.59 -19.69
C GLU A 85 -11.27 10.42 -18.44
N ARG A 86 -10.22 10.63 -17.66
CA ARG A 86 -10.32 11.45 -16.47
C ARG A 86 -8.91 11.72 -15.98
N ASP A 87 -8.81 12.76 -15.15
CA ASP A 87 -7.58 13.05 -14.43
C ASP A 87 -7.21 11.85 -13.56
N LEU A 88 -5.93 11.52 -13.51
CA LEU A 88 -5.45 10.33 -12.81
C LEU A 88 -4.21 10.68 -12.00
N THR A 89 -4.12 10.13 -10.78
CA THR A 89 -2.85 10.12 -10.07
C THR A 89 -1.97 9.00 -10.62
N LEU A 90 -0.74 8.91 -10.11
CA LEU A 90 0.14 7.82 -10.53
C LEU A 90 -0.46 6.47 -10.15
N ARG A 91 -0.91 6.33 -8.90
CA ARG A 91 -1.56 5.08 -8.52
C ARG A 91 -2.81 4.83 -9.38
N GLY A 92 -3.61 5.86 -9.62
CA GLY A 92 -4.78 5.68 -10.46
C GLY A 92 -4.46 5.19 -11.85
N ALA A 93 -3.44 5.80 -12.49
CA ALA A 93 -3.04 5.40 -13.85
C ALA A 93 -2.53 3.96 -13.88
N ILE A 94 -1.77 3.56 -12.86
CA ILE A 94 -1.30 2.19 -12.77
C ILE A 94 -2.47 1.24 -12.53
N GLN A 95 -3.34 1.56 -11.57
CA GLN A 95 -4.40 0.61 -11.23
C GLN A 95 -5.38 0.38 -12.38
N VAL A 96 -5.67 1.38 -13.21
CA VAL A 96 -6.51 1.15 -14.38
C VAL A 96 -5.70 0.93 -15.66
N SER A 97 -4.39 0.81 -15.55
N SER A 97 -4.39 0.89 -15.54
CA SER A 97 -3.51 0.55 -16.69
CA SER A 97 -3.49 0.59 -16.66
C SER A 97 -3.76 1.54 -17.85
C SER A 97 -3.72 1.53 -17.83
N ALA A 98 -3.64 2.83 -17.52
CA ALA A 98 -3.94 3.91 -18.49
C ALA A 98 -2.77 4.11 -19.48
N VAL A 99 -2.81 3.28 -20.53
CA VAL A 99 -1.75 3.33 -21.56
C VAL A 99 -1.39 4.74 -21.97
N PRO A 100 -2.33 5.60 -22.37
CA PRO A 100 -1.89 6.89 -22.90
C PRO A 100 -1.09 7.73 -21.92
N VAL A 101 -1.36 7.63 -20.61
CA VAL A 101 -0.56 8.35 -19.63
C VAL A 101 0.90 7.90 -19.69
N PHE A 102 1.12 6.57 -19.78
CA PHE A 102 2.47 6.02 -19.85
C PHE A 102 3.12 6.17 -21.22
N GLN A 103 2.34 6.25 -22.27
CA GLN A 103 2.93 6.62 -23.55
C GLN A 103 3.53 8.03 -23.50
N GLN A 104 2.83 8.99 -22.88
CA GLN A 104 3.39 10.33 -22.86
C GLN A 104 4.60 10.39 -21.93
N ILE A 105 4.57 9.63 -20.84
CA ILE A 105 5.77 9.56 -19.99
C ILE A 105 6.96 9.05 -20.78
N ALA A 106 6.76 7.97 -21.53
CA ALA A 106 7.82 7.39 -22.35
C ALA A 106 8.34 8.37 -23.38
N ARG A 107 7.45 9.14 -24.02
CA ARG A 107 7.89 10.09 -25.02
C ARG A 107 8.80 11.14 -24.40
N GLU A 108 8.45 11.61 -23.19
CA GLU A 108 9.25 12.66 -22.56
C GLU A 108 10.57 12.13 -22.01
N VAL A 109 10.58 10.90 -21.52
CA VAL A 109 11.82 10.23 -21.14
C VAL A 109 12.76 10.16 -22.33
N GLY A 110 12.24 9.75 -23.48
CA GLY A 110 13.03 9.72 -24.68
C GLY A 110 13.84 8.44 -24.76
N GLU A 111 14.24 8.11 -26.00
CA GLU A 111 14.86 6.81 -26.25
C GLU A 111 16.22 6.67 -25.53
N VAL A 112 17.05 7.73 -25.52
CA VAL A 112 18.37 7.57 -24.91
C VAL A 112 18.24 7.25 -23.41
N ARG A 113 17.44 8.03 -22.70
CA ARG A 113 17.30 7.77 -21.27
C ARG A 113 16.57 6.45 -21.02
N MET A 114 15.58 6.12 -21.84
CA MET A 114 14.88 4.85 -21.65
C MET A 114 15.86 3.69 -21.79
N GLN A 115 16.73 3.74 -22.79
CA GLN A 115 17.66 2.63 -23.00
C GLN A 115 18.62 2.52 -21.83
N LYS A 116 19.08 3.66 -21.33
CA LYS A 116 20.03 3.66 -20.21
C LYS A 116 19.45 2.98 -18.99
N TYR A 117 18.19 3.28 -18.67
CA TYR A 117 17.56 2.73 -17.47
C TYR A 117 17.22 1.25 -17.60
N LEU A 118 16.78 0.78 -18.78
CA LEU A 118 16.49 -0.65 -18.88
C LEU A 118 17.79 -1.45 -18.76
N LYS A 119 18.90 -0.86 -19.20
CA LYS A 119 20.20 -1.49 -19.01
C LYS A 119 20.56 -1.53 -17.53
N LYS A 120 20.38 -0.40 -16.82
CA LYS A 120 20.62 -0.40 -15.38
C LYS A 120 19.75 -1.43 -14.65
N PHE A 121 18.50 -1.55 -15.04
CA PHE A 121 17.54 -2.44 -14.40
C PHE A 121 17.65 -3.89 -14.86
N SER A 122 18.53 -4.19 -15.82
CA SER A 122 18.60 -5.52 -16.44
C SER A 122 17.20 -6.02 -16.85
N TYR A 123 16.46 -5.16 -17.54
CA TYR A 123 15.04 -5.40 -17.78
C TYR A 123 14.87 -6.17 -19.10
N GLY A 124 14.78 -7.49 -19.01
CA GLY A 124 14.59 -8.33 -20.19
C GLY A 124 15.68 -8.16 -21.25
N ASN A 125 15.25 -8.24 -22.51
CA ASN A 125 16.18 -8.10 -23.63
C ASN A 125 16.54 -6.65 -23.91
N GLN A 126 15.92 -5.70 -23.19
CA GLN A 126 16.25 -4.28 -23.23
C GLN A 126 16.10 -3.69 -24.62
N ASN A 127 15.26 -4.31 -25.45
CA ASN A 127 15.05 -3.84 -26.82
C ASN A 127 13.87 -2.87 -26.87
N ILE A 128 14.16 -1.58 -27.04
CA ILE A 128 13.11 -0.56 -27.05
C ILE A 128 12.79 -0.09 -28.44
N SER A 129 13.29 -0.78 -29.46
CA SER A 129 13.26 -0.24 -30.80
C SER A 129 11.84 -0.22 -31.35
N GLY A 130 11.64 0.60 -32.38
CA GLY A 130 10.42 0.57 -33.17
C GLY A 130 9.43 1.68 -32.85
N GLY A 131 9.65 2.47 -31.80
CA GLY A 131 8.69 3.50 -31.45
C GLY A 131 8.61 3.67 -29.96
N ILE A 132 8.97 4.86 -29.48
CA ILE A 132 9.19 5.03 -28.04
C ILE A 132 7.92 4.91 -27.24
N ASP A 133 6.75 5.05 -27.87
CA ASP A 133 5.51 4.98 -27.13
C ASP A 133 4.76 3.66 -27.32
N LYS A 134 5.42 2.61 -27.87
CA LYS A 134 4.71 1.35 -28.03
C LYS A 134 5.61 0.12 -27.97
N PHE A 135 6.89 0.26 -27.58
CA PHE A 135 7.79 -0.88 -27.64
C PHE A 135 7.38 -1.98 -26.66
N TRP A 136 6.71 -1.61 -25.56
CA TRP A 136 6.26 -2.60 -24.59
C TRP A 136 4.87 -3.14 -24.91
N LEU A 137 4.20 -2.56 -25.90
CA LEU A 137 2.86 -2.92 -26.30
C LEU A 137 2.81 -3.80 -27.53
N GLU A 138 3.65 -3.49 -28.52
CA GLU A 138 3.64 -4.23 -29.78
C GLU A 138 5.04 -4.26 -30.37
N GLY A 139 6.05 -3.89 -29.64
CA GLY A 139 7.40 -3.84 -30.14
C GLY A 139 8.15 -5.13 -29.84
N GLN A 140 9.46 -4.98 -29.67
CA GLN A 140 10.38 -6.09 -29.57
C GLN A 140 10.88 -6.35 -28.15
N LEU A 141 10.43 -5.57 -27.19
CA LEU A 141 10.83 -5.78 -25.81
C LEU A 141 10.23 -7.09 -25.31
N ARG A 142 11.06 -7.87 -24.62
CA ARG A 142 10.67 -9.19 -24.12
C ARG A 142 11.31 -9.37 -22.74
N ILE A 143 10.57 -10.00 -21.83
CA ILE A 143 11.07 -10.28 -20.49
C ILE A 143 10.46 -11.58 -20.00
N SER A 144 11.23 -12.37 -19.26
CA SER A 144 10.69 -13.61 -18.75
C SER A 144 10.13 -13.45 -17.35
N ALA A 145 9.43 -14.50 -16.90
CA ALA A 145 8.92 -14.55 -15.52
C ALA A 145 10.06 -14.54 -14.49
N VAL A 146 11.15 -15.26 -14.77
CA VAL A 146 12.33 -15.22 -13.89
C VAL A 146 12.88 -13.80 -13.79
N ASN A 147 13.03 -13.11 -14.93
CA ASN A 147 13.56 -11.75 -14.86
C ASN A 147 12.60 -10.82 -14.13
N GLN A 148 11.28 -11.05 -14.25
CA GLN A 148 10.33 -10.21 -13.52
C GLN A 148 10.54 -10.34 -12.01
N VAL A 149 10.70 -11.57 -11.50
N VAL A 149 10.71 -11.57 -11.52
CA VAL A 149 10.86 -11.71 -10.05
CA VAL A 149 10.90 -11.77 -10.09
C VAL A 149 12.19 -11.10 -9.60
C VAL A 149 12.18 -11.09 -9.62
N GLU A 150 13.23 -11.17 -10.43
CA GLU A 150 14.51 -10.57 -10.04
C GLU A 150 14.39 -9.06 -9.94
N PHE A 151 13.70 -8.46 -10.92
CA PHE A 151 13.47 -7.01 -10.94
C PHE A 151 12.60 -6.57 -9.76
N LEU A 152 11.53 -7.30 -9.51
CA LEU A 152 10.66 -6.99 -8.38
C LEU A 152 11.36 -7.18 -7.06
N GLU A 153 12.25 -8.19 -6.94
CA GLU A 153 13.02 -8.30 -5.71
C GLU A 153 13.92 -7.08 -5.52
N SER A 154 14.58 -6.63 -6.58
CA SER A 154 15.39 -5.42 -6.47
C SER A 154 14.53 -4.23 -6.02
N LEU A 155 13.33 -4.12 -6.56
CA LEU A 155 12.43 -3.04 -6.16
C LEU A 155 12.02 -3.19 -4.70
N TYR A 156 11.63 -4.39 -4.29
CA TYR A 156 11.30 -4.60 -2.89
C TYR A 156 12.45 -4.17 -1.98
N LEU A 157 13.68 -4.48 -2.36
CA LEU A 157 14.84 -4.20 -1.51
C LEU A 157 15.39 -2.78 -1.68
N ASN A 158 14.78 -1.97 -2.55
CA ASN A 158 15.25 -0.61 -2.83
C ASN A 158 16.63 -0.60 -3.46
N LYS A 159 16.91 -1.64 -4.22
CA LYS A 159 18.21 -1.83 -4.82
C LYS A 159 18.23 -1.52 -6.30
N LEU A 160 17.13 -1.06 -6.88
CA LEU A 160 17.25 -0.58 -8.24
C LEU A 160 18.09 0.70 -8.27
N SER A 161 18.61 1.02 -9.46
CA SER A 161 19.36 2.27 -9.69
C SER A 161 18.39 3.45 -9.79
N ALA A 162 17.89 3.84 -8.62
CA ALA A 162 16.91 4.90 -8.46
C ALA A 162 16.91 5.25 -6.98
N SER A 163 16.45 6.43 -6.65
CA SER A 163 16.40 6.81 -5.24
C SER A 163 15.45 5.88 -4.50
N LYS A 164 15.70 5.70 -3.20
CA LYS A 164 14.79 4.90 -2.40
C LYS A 164 13.41 5.56 -2.36
N GLU A 165 13.39 6.89 -2.30
CA GLU A 165 12.12 7.63 -2.32
C GLU A 165 11.27 7.24 -3.50
N ASN A 166 11.88 7.19 -4.69
CA ASN A 166 11.10 6.90 -5.89
C ASN A 166 10.69 5.43 -5.92
N GLN A 167 11.51 4.55 -5.40
CA GLN A 167 11.09 3.16 -5.30
C GLN A 167 9.90 3.03 -4.38
N LEU A 168 9.94 3.74 -3.23
CA LEU A 168 8.83 3.65 -2.28
C LEU A 168 7.53 4.21 -2.87
N ILE A 169 7.64 5.27 -3.67
CA ILE A 169 6.47 5.87 -4.31
C ILE A 169 5.80 4.87 -5.23
N VAL A 170 6.60 4.15 -6.03
CA VAL A 170 6.03 3.20 -6.97
C VAL A 170 5.48 1.98 -6.24
N LYS A 171 6.18 1.53 -5.20
CA LYS A 171 5.65 0.42 -4.42
C LYS A 171 4.27 0.76 -3.84
N GLU A 172 4.10 1.97 -3.30
CA GLU A 172 2.79 2.32 -2.77
C GLU A 172 1.71 2.29 -3.85
N ALA A 173 2.08 2.62 -5.09
CA ALA A 173 1.12 2.62 -6.18
C ALA A 173 0.72 1.23 -6.61
N LEU A 174 1.49 0.21 -6.21
CA LEU A 174 1.27 -1.18 -6.61
C LEU A 174 0.56 -2.01 -5.55
N VAL A 175 0.23 -1.44 -4.39
CA VAL A 175 -0.50 -2.25 -3.41
C VAL A 175 -1.86 -2.61 -4.02
N THR A 176 -2.21 -3.90 -4.00
CA THR A 176 -3.49 -4.34 -4.51
C THR A 176 -4.34 -5.13 -3.53
N GLU A 177 -3.75 -5.63 -2.44
CA GLU A 177 -4.54 -6.28 -1.40
C GLU A 177 -3.84 -6.06 -0.07
N ALA A 178 -4.63 -5.65 0.91
CA ALA A 178 -4.12 -5.39 2.25
C ALA A 178 -4.96 -6.15 3.24
N ALA A 179 -4.30 -6.95 4.05
CA ALA A 179 -4.93 -7.71 5.12
C ALA A 179 -4.04 -7.54 6.34
N PRO A 180 -4.59 -7.68 7.53
CA PRO A 180 -3.72 -7.61 8.71
C PRO A 180 -2.56 -8.59 8.61
N GLU A 181 -2.80 -9.78 8.04
CA GLU A 181 -1.79 -10.82 7.98
C GLU A 181 -0.84 -10.68 6.80
N TYR A 182 -1.23 -10.01 5.71
CA TYR A 182 -0.35 -9.95 4.56
C TYR A 182 -0.71 -8.78 3.65
N LEU A 183 0.26 -8.43 2.81
CA LEU A 183 0.17 -7.31 1.89
C LEU A 183 0.60 -7.79 0.52
N VAL A 184 -0.21 -7.51 -0.50
CA VAL A 184 0.13 -7.89 -1.86
C VAL A 184 0.36 -6.63 -2.68
N HIS A 185 1.46 -6.63 -3.41
CA HIS A 185 1.82 -5.65 -4.42
C HIS A 185 1.78 -6.38 -5.75
N SER A 186 1.12 -5.84 -6.75
CA SER A 186 1.04 -6.62 -7.99
C SER A 186 0.69 -5.71 -9.15
N LYS A 187 0.92 -6.25 -10.35
CA LYS A 187 0.53 -5.59 -11.59
C LYS A 187 0.14 -6.64 -12.60
N THR A 188 -0.94 -6.39 -13.35
CA THR A 188 -1.39 -7.18 -14.48
C THR A 188 -0.84 -6.64 -15.82
N GLY A 189 -0.90 -7.49 -16.82
CA GLY A 189 -0.57 -7.13 -18.19
C GLY A 189 -1.29 -8.04 -19.16
N PHE A 190 -1.56 -7.51 -20.37
CA PHE A 190 -2.29 -8.27 -21.39
C PHE A 190 -1.90 -7.70 -22.74
N SER A 191 -1.22 -8.49 -23.57
CA SER A 191 -0.77 -7.93 -24.85
C SER A 191 -1.88 -7.83 -25.88
N GLY A 192 -2.96 -8.58 -25.72
CA GLY A 192 -3.99 -8.68 -26.72
C GLY A 192 -4.22 -10.13 -27.06
N VAL A 193 -5.16 -10.37 -27.97
CA VAL A 193 -5.55 -11.74 -28.25
C VAL A 193 -4.70 -12.40 -29.32
N GLY A 194 -3.73 -11.69 -29.85
N GLY A 194 -4.03 -11.65 -30.17
CA GLY A 194 -2.76 -12.27 -30.73
CA GLY A 194 -3.55 -12.27 -31.39
C GLY A 194 -3.26 -12.24 -32.15
C GLY A 194 -4.47 -13.32 -32.01
N THR A 195 -2.72 -13.15 -32.97
N THR A 195 -3.92 -14.47 -32.38
CA THR A 195 -3.16 -13.36 -34.34
CA THR A 195 -4.65 -15.52 -33.09
C THR A 195 -3.17 -14.87 -34.60
C THR A 195 -4.54 -16.85 -32.35
N GLU A 196 -3.60 -15.26 -35.79
N GLU A 196 -5.34 -17.82 -32.80
CA GLU A 196 -3.78 -16.67 -36.11
CA GLU A 196 -5.17 -19.17 -32.26
C GLU A 196 -2.53 -17.47 -35.77
C GLU A 196 -3.78 -19.71 -32.55
N SER A 197 -2.71 -18.54 -34.99
N SER A 197 -3.14 -19.26 -33.64
CA SER A 197 -1.64 -19.45 -34.58
CA SER A 197 -1.82 -19.73 -34.03
C SER A 197 -0.56 -18.74 -33.77
C SER A 197 -0.67 -18.89 -33.48
N ASN A 198 -0.91 -17.65 -33.09
CA ASN A 198 0.08 -16.82 -32.41
C ASN A 198 -0.60 -16.05 -31.28
N PRO A 199 -0.87 -16.72 -30.16
CA PRO A 199 -1.64 -16.08 -29.08
C PRO A 199 -0.89 -14.94 -28.42
N GLY A 200 -1.67 -14.07 -27.79
CA GLY A 200 -1.12 -13.04 -26.95
C GLY A 200 -0.67 -13.62 -25.64
N VAL A 201 -0.24 -12.74 -24.76
CA VAL A 201 0.26 -13.12 -23.45
C VAL A 201 -0.46 -12.29 -22.39
N ALA A 202 -0.77 -12.91 -21.27
CA ALA A 202 -1.32 -12.24 -20.11
C ALA A 202 -0.42 -12.51 -18.91
N TRP A 203 -0.25 -11.48 -18.06
CA TRP A 203 0.67 -11.53 -16.93
C TRP A 203 -0.01 -11.16 -15.63
N TRP A 204 0.55 -11.68 -14.53
CA TRP A 204 0.31 -11.10 -13.20
C TRP A 204 1.60 -11.30 -12.43
N VAL A 205 2.21 -10.20 -11.95
CA VAL A 205 3.50 -10.27 -11.27
C VAL A 205 3.39 -9.45 -10.00
N GLY A 206 4.19 -9.81 -8.98
CA GLY A 206 4.14 -9.06 -7.75
C GLY A 206 4.90 -9.74 -6.63
N TRP A 207 4.52 -9.38 -5.41
CA TRP A 207 5.10 -10.02 -4.24
C TRP A 207 4.12 -9.92 -3.09
N VAL A 208 4.32 -10.81 -2.13
CA VAL A 208 3.49 -10.91 -0.95
C VAL A 208 4.40 -10.80 0.26
N GLU A 209 4.04 -9.94 1.19
CA GLU A 209 4.74 -9.81 2.47
C GLU A 209 3.83 -10.39 3.52
N LYS A 210 4.32 -11.39 4.24
CA LYS A 210 3.52 -12.11 5.22
C LYS A 210 4.42 -12.39 6.40
N GLU A 211 3.91 -12.13 7.61
CA GLU A 211 4.72 -12.22 8.82
C GLU A 211 6.05 -11.53 8.52
N THR A 212 7.17 -12.24 8.67
CA THR A 212 8.46 -11.65 8.34
C THR A 212 9.03 -12.18 7.02
N GLU A 213 8.18 -12.78 6.19
CA GLU A 213 8.62 -13.45 4.97
C GLU A 213 8.14 -12.67 3.74
N VAL A 214 8.84 -12.84 2.63
CA VAL A 214 8.43 -12.20 1.37
C VAL A 214 8.45 -13.26 0.30
N TYR A 215 7.46 -13.21 -0.59
CA TYR A 215 7.32 -14.13 -1.71
C TYR A 215 7.21 -13.33 -2.99
N PHE A 216 8.08 -13.60 -3.94
CA PHE A 216 8.00 -12.92 -5.24
C PHE A 216 7.35 -13.87 -6.22
N PHE A 217 6.48 -13.33 -7.08
CA PHE A 217 5.80 -14.20 -8.03
C PHE A 217 5.68 -13.55 -9.40
N ALA A 218 5.66 -14.41 -10.41
CA ALA A 218 5.37 -13.96 -11.76
C ALA A 218 4.63 -15.08 -12.47
N PHE A 219 3.53 -14.72 -13.14
CA PHE A 219 2.68 -15.61 -13.90
C PHE A 219 2.48 -15.06 -15.30
N ASN A 220 2.58 -15.94 -16.30
CA ASN A 220 2.12 -15.55 -17.62
C ASN A 220 1.48 -16.75 -18.28
N MET A 221 0.70 -16.48 -19.31
CA MET A 221 -0.07 -17.52 -19.98
C MET A 221 -0.35 -17.05 -21.40
N ASP A 222 -0.46 -18.01 -22.30
CA ASP A 222 -0.97 -17.70 -23.63
C ASP A 222 -2.46 -17.41 -23.52
N ILE A 223 -2.94 -16.48 -24.35
CA ILE A 223 -4.35 -16.10 -24.33
C ILE A 223 -4.74 -15.64 -25.74
N ASP A 224 -5.85 -16.18 -26.25
CA ASP A 224 -6.38 -15.70 -27.52
C ASP A 224 -7.83 -15.29 -27.40
N ASN A 225 -8.35 -15.17 -26.18
CA ASN A 225 -9.74 -14.75 -25.98
C ASN A 225 -9.85 -14.02 -24.65
N GLU A 226 -10.38 -12.79 -24.69
CA GLU A 226 -10.44 -11.95 -23.50
C GLU A 226 -11.23 -12.62 -22.38
N SER A 227 -12.12 -13.55 -22.73
N SER A 227 -12.13 -13.55 -22.71
CA SER A 227 -12.90 -14.24 -21.71
CA SER A 227 -12.89 -14.21 -21.66
C SER A 227 -12.02 -15.04 -20.74
C SER A 227 -11.97 -14.96 -20.69
N LYS A 228 -10.80 -15.37 -21.14
CA LYS A 228 -9.89 -16.14 -20.30
C LYS A 228 -9.07 -15.27 -19.36
N LEU A 229 -9.20 -13.95 -19.49
CA LEU A 229 -8.29 -13.06 -18.76
C LEU A 229 -8.32 -13.27 -17.25
N PRO A 230 -9.45 -13.50 -16.59
CA PRO A 230 -9.41 -13.62 -15.12
C PRO A 230 -8.52 -14.76 -14.64
N LEU A 231 -8.21 -15.73 -15.49
CA LEU A 231 -7.34 -16.83 -15.10
C LEU A 231 -5.93 -16.35 -14.74
N ARG A 232 -5.52 -15.19 -15.22
CA ARG A 232 -4.19 -14.69 -14.93
C ARG A 232 -4.05 -14.34 -13.46
N LYS A 233 -5.16 -14.05 -12.79
CA LYS A 233 -5.13 -13.92 -11.35
C LYS A 233 -5.58 -15.18 -10.63
N SER A 234 -6.57 -15.91 -11.17
CA SER A 234 -7.16 -17.00 -10.39
C SER A 234 -6.22 -18.20 -10.31
N ILE A 235 -5.49 -18.53 -11.37
CA ILE A 235 -4.58 -19.67 -11.30
C ILE A 235 -3.49 -19.39 -10.28
N PRO A 236 -2.76 -18.27 -10.33
CA PRO A 236 -1.72 -18.04 -9.32
C PRO A 236 -2.28 -17.81 -7.93
N THR A 237 -3.46 -17.21 -7.80
CA THR A 237 -4.05 -17.05 -6.49
C THR A 237 -4.34 -18.40 -5.85
N LYS A 238 -4.85 -19.35 -6.65
N LYS A 238 -4.86 -19.35 -6.64
CA LYS A 238 -5.15 -20.68 -6.12
CA LYS A 238 -5.15 -20.68 -6.10
C LYS A 238 -3.88 -21.41 -5.71
C LYS A 238 -3.87 -21.39 -5.69
N ILE A 239 -2.82 -21.27 -6.51
CA ILE A 239 -1.53 -21.85 -6.12
C ILE A 239 -1.06 -21.24 -4.82
N MET A 240 -1.08 -19.91 -4.72
CA MET A 240 -0.56 -19.30 -3.49
C MET A 240 -1.47 -19.57 -2.31
N GLU A 241 -2.77 -19.76 -2.53
CA GLU A 241 -3.63 -20.18 -1.43
C GLU A 241 -3.28 -21.59 -0.96
N SER A 242 -2.99 -22.49 -1.89
CA SER A 242 -2.62 -23.85 -1.49
C SER A 242 -1.24 -23.88 -0.84
N GLU A 243 -0.36 -22.96 -1.19
CA GLU A 243 0.91 -22.86 -0.47
C GLU A 243 0.77 -22.22 0.90
N GLY A 244 -0.40 -21.68 1.23
CA GLY A 244 -0.56 -21.03 2.53
C GLY A 244 -0.10 -19.59 2.59
N ILE A 245 0.13 -18.96 1.45
CA ILE A 245 0.70 -17.62 1.43
C ILE A 245 -0.38 -16.55 1.55
N ILE A 246 -1.48 -16.70 0.83
CA ILE A 246 -2.60 -15.79 0.96
C ILE A 246 -3.87 -16.53 1.33
N MET B 1 -8.78 21.83 8.48
CA MET B 1 -7.70 22.72 8.08
C MET B 1 -8.22 24.11 7.77
N GLY B 2 -9.03 24.22 6.72
CA GLY B 2 -9.50 25.50 6.25
C GLY B 2 -10.83 25.93 6.85
N SER B 3 -11.74 24.98 7.01
CA SER B 3 -13.02 25.30 7.65
C SER B 3 -13.56 24.01 8.25
N ILE B 4 -14.52 24.18 9.15
CA ILE B 4 -15.21 23.03 9.73
C ILE B 4 -16.68 23.40 9.93
N THR B 5 -17.54 22.43 9.67
CA THR B 5 -18.98 22.58 9.73
C THR B 5 -19.60 21.37 10.43
N GLU B 6 -20.57 21.62 11.30
CA GLU B 6 -21.32 20.55 11.94
C GLU B 6 -22.41 20.00 11.00
N ASN B 7 -22.47 18.69 10.88
CA ASN B 7 -23.52 17.99 10.15
C ASN B 7 -24.17 17.03 11.13
N THR B 8 -25.29 17.41 11.72
CA THR B 8 -25.88 16.55 12.74
C THR B 8 -26.64 15.36 12.17
N SER B 9 -26.83 15.29 10.85
CA SER B 9 -27.46 14.13 10.27
C SER B 9 -26.59 12.87 10.37
N TRP B 10 -25.30 13.01 10.62
CA TRP B 10 -24.49 11.84 10.87
C TRP B 10 -24.76 11.23 12.25
N ASN B 11 -25.50 11.93 13.11
CA ASN B 11 -25.77 11.39 14.43
C ASN B 11 -26.63 10.15 14.38
N LYS B 12 -27.41 9.96 13.31
CA LYS B 12 -28.18 8.73 13.09
C LYS B 12 -27.36 7.47 13.32
N GLU B 13 -26.11 7.45 12.83
CA GLU B 13 -25.30 6.25 12.96
C GLU B 13 -24.81 6.05 14.39
N PHE B 14 -24.62 7.15 15.12
CA PHE B 14 -24.27 7.03 16.53
C PHE B 14 -25.45 6.60 17.36
N SER B 15 -26.62 7.21 17.10
CA SER B 15 -27.82 6.94 17.87
C SER B 15 -28.24 5.49 17.76
N ALA B 16 -28.10 4.91 16.57
CA ALA B 16 -28.54 3.55 16.32
C ALA B 16 -27.79 2.54 17.18
N GLU B 17 -26.56 2.87 17.59
CA GLU B 17 -25.71 2.01 18.38
C GLU B 17 -25.53 2.52 19.81
N ALA B 18 -26.23 3.58 20.17
CA ALA B 18 -26.11 4.19 21.49
C ALA B 18 -24.67 4.55 21.81
N VAL B 19 -23.97 5.15 20.85
CA VAL B 19 -22.58 5.54 21.02
C VAL B 19 -22.49 7.06 21.20
N ASN B 20 -21.65 7.47 22.16
CA ASN B 20 -21.24 8.87 22.31
C ASN B 20 -19.86 9.01 21.68
N GLY B 21 -19.79 9.75 20.58
CA GLY B 21 -18.52 9.85 19.85
C GLY B 21 -18.59 10.94 18.83
N VAL B 22 -17.50 11.04 18.06
CA VAL B 22 -17.38 12.06 17.04
C VAL B 22 -16.70 11.47 15.83
N PHE B 23 -17.09 11.99 14.68
CA PHE B 23 -16.42 11.71 13.41
C PHE B 23 -16.11 13.04 12.74
N VAL B 24 -14.86 13.20 12.30
CA VAL B 24 -14.39 14.36 11.57
C VAL B 24 -13.91 13.86 10.20
N LEU B 25 -14.42 14.47 9.13
CA LEU B 25 -14.10 14.07 7.76
C LEU B 25 -13.74 15.30 6.96
N CYS B 26 -12.52 15.33 6.45
CA CYS B 26 -12.00 16.51 5.75
C CYS B 26 -11.67 16.15 4.31
N LYS B 27 -12.08 17.03 3.41
CA LYS B 27 -11.85 16.85 1.98
C LYS B 27 -10.71 17.77 1.57
N SER B 28 -9.67 17.19 1.00
CA SER B 28 -8.44 17.94 0.80
C SER B 28 -8.63 19.07 -0.21
N SER B 29 -9.32 18.78 -1.32
CA SER B 29 -9.40 19.74 -2.41
C SER B 29 -10.20 20.98 -2.04
N SER B 30 -11.22 20.83 -1.20
CA SER B 30 -12.01 21.97 -0.73
C SER B 30 -11.51 22.51 0.60
N LYS B 31 -10.51 21.88 1.21
CA LYS B 31 -9.92 22.35 2.46
C LYS B 31 -10.99 22.53 3.53
N SER B 32 -11.96 21.61 3.57
CA SER B 32 -13.13 21.76 4.43
C SER B 32 -13.44 20.47 5.16
N CYS B 33 -13.77 20.60 6.44
CA CYS B 33 -14.09 19.48 7.30
C CYS B 33 -15.56 19.54 7.74
N ALA B 34 -16.08 18.36 8.03
CA ALA B 34 -17.42 18.22 8.59
C ALA B 34 -17.31 17.26 9.76
N THR B 35 -18.20 17.45 10.73
CA THR B 35 -18.23 16.60 11.91
C THR B 35 -19.66 16.56 12.42
N ASN B 36 -19.96 15.50 13.17
CA ASN B 36 -21.27 15.46 13.82
C ASN B 36 -21.34 16.27 15.10
N ASP B 37 -20.20 16.68 15.66
CA ASP B 37 -20.18 17.25 17.02
C ASP B 37 -18.93 18.13 17.11
N LEU B 38 -19.09 19.43 16.85
CA LEU B 38 -17.95 20.34 16.92
C LEU B 38 -17.32 20.33 18.30
N ALA B 39 -18.13 20.25 19.37
CA ALA B 39 -17.53 20.29 20.70
C ALA B 39 -16.63 19.07 20.90
N ARG B 40 -17.14 17.87 20.63
CA ARG B 40 -16.31 16.69 20.87
C ARG B 40 -15.15 16.61 19.90
N ALA B 41 -15.28 17.21 18.71
CA ALA B 41 -14.18 17.18 17.77
C ALA B 41 -12.93 17.88 18.29
N SER B 42 -13.08 18.83 19.20
CA SER B 42 -12.00 19.56 19.83
C SER B 42 -11.57 18.98 21.18
N LYS B 43 -12.32 18.01 21.71
CA LYS B 43 -11.97 17.41 22.99
C LYS B 43 -10.76 16.49 22.81
N GLU B 44 -9.90 16.43 23.83
CA GLU B 44 -8.59 15.79 23.69
C GLU B 44 -8.57 14.52 24.54
N TYR B 45 -8.16 13.40 23.93
CA TYR B 45 -8.20 12.09 24.54
C TYR B 45 -6.83 11.43 24.42
N LEU B 46 -6.57 10.47 25.29
CA LEU B 46 -5.40 9.63 25.14
C LEU B 46 -5.33 9.08 23.72
N PRO B 47 -4.18 9.13 23.04
CA PRO B 47 -4.12 8.59 21.67
C PRO B 47 -4.11 7.08 21.62
N ALA B 48 -3.68 6.40 22.69
CA ALA B 48 -3.52 4.96 22.70
C ALA B 48 -2.73 4.56 21.44
N DHA B 49 -3.16 3.50 20.75
CA DHA B 49 -2.45 3.00 19.58
CB DHA B 49 -1.98 1.79 19.56
C DHA B 49 -2.28 3.88 18.37
O DHA B 49 -1.45 3.63 17.56
N THR B 50 -3.05 4.94 18.27
CA THR B 50 -2.85 5.89 17.20
C THR B 50 -1.48 6.55 17.34
N PHE B 51 -0.90 6.52 18.54
CA PHE B 51 0.41 7.13 18.77
C PHE B 51 1.49 6.31 18.07
N KCX B 52 1.14 5.11 17.64
CA KCX B 52 2.13 4.33 16.90
CB KCX B 52 1.60 2.95 16.63
CG KCX B 52 1.54 2.10 17.91
CD KCX B 52 1.27 0.63 17.63
CE KCX B 52 1.33 -0.20 18.92
NZ KCX B 52 0.44 0.32 19.98
C KCX B 52 2.54 5.04 15.61
O KCX B 52 3.63 4.81 15.09
CX KCX B 52 0.86 1.21 20.90
OQ1 KCX B 52 2.03 1.61 20.89
OQ2 KCX B 52 0.09 1.62 21.76
N ILE B 53 1.69 5.92 15.09
CA ILE B 53 2.06 6.61 13.87
C ILE B 53 3.26 7.55 14.13
N PRO B 54 3.11 8.55 15.00
CA PRO B 54 4.29 9.38 15.28
C PRO B 54 5.47 8.59 15.83
N ASN B 55 5.18 7.59 16.67
CA ASN B 55 6.28 6.87 17.31
C ASN B 55 7.13 6.16 16.27
N ALA B 56 6.49 5.58 15.25
CA ALA B 56 7.22 4.94 14.16
C ALA B 56 8.06 5.95 13.39
N ILE B 57 7.48 7.11 13.06
CA ILE B 57 8.23 8.13 12.34
C ILE B 57 9.45 8.53 13.15
N ILE B 58 9.26 8.79 14.44
CA ILE B 58 10.34 9.24 15.30
C ILE B 58 11.39 8.16 15.45
N GLY B 59 10.96 6.90 15.60
CA GLY B 59 11.91 5.80 15.64
C GLY B 59 12.76 5.75 14.40
N LEU B 60 12.17 6.00 13.23
CA LEU B 60 12.95 6.02 12.01
C LEU B 60 13.86 7.24 11.94
N GLU B 61 13.34 8.43 12.29
CA GLU B 61 14.16 9.63 12.21
C GLU B 61 15.38 9.52 13.09
N THR B 62 15.21 8.97 14.31
CA THR B 62 16.30 8.86 15.26
C THR B 62 17.25 7.70 14.96
N GLY B 63 16.92 6.86 13.99
CA GLY B 63 17.73 5.68 13.73
C GLY B 63 17.48 4.53 14.68
N VAL B 64 16.58 4.70 15.65
CA VAL B 64 16.20 3.59 16.53
C VAL B 64 15.62 2.44 15.73
N ILE B 65 14.76 2.75 14.76
CA ILE B 65 14.31 1.83 13.74
C ILE B 65 15.23 2.01 12.54
N LYS B 66 15.89 0.93 12.10
CA LYS B 66 16.86 1.06 11.01
C LYS B 66 16.17 1.42 9.70
N ASN B 67 15.11 0.70 9.34
CA ASN B 67 14.40 0.89 8.08
C ASN B 67 13.20 -0.03 8.03
N GLU B 68 12.49 -0.12 6.90
CA GLU B 68 11.22 -0.85 6.91
C GLU B 68 11.41 -2.34 6.96
N HIS B 69 12.64 -2.82 6.79
CA HIS B 69 12.92 -4.24 6.80
C HIS B 69 13.44 -4.71 8.16
N GLN B 70 13.58 -3.81 9.11
CA GLN B 70 13.94 -4.26 10.46
C GLN B 70 12.92 -5.25 10.99
N VAL B 71 13.42 -6.29 11.62
CA VAL B 71 12.59 -7.26 12.34
C VAL B 71 12.75 -7.01 13.83
N PHE B 72 11.64 -6.78 14.51
CA PHE B 72 11.57 -6.68 15.97
C PHE B 72 11.43 -8.09 16.52
N LYS B 73 12.52 -8.61 17.08
CA LYS B 73 12.57 -10.00 17.47
C LYS B 73 11.85 -10.21 18.80
N TRP B 74 11.17 -11.34 18.90
CA TRP B 74 10.49 -11.70 20.13
C TRP B 74 11.48 -12.46 21.02
N ASP B 75 11.58 -12.05 22.28
CA ASP B 75 12.55 -12.64 23.20
C ASP B 75 12.02 -13.89 23.89
N GLY B 76 10.85 -14.38 23.50
CA GLY B 76 10.29 -15.57 24.11
C GLY B 76 9.62 -15.35 25.45
N LYS B 77 9.83 -14.19 26.10
CA LYS B 77 9.14 -13.91 27.36
C LYS B 77 7.69 -13.51 27.08
N PRO B 78 6.73 -13.99 27.87
CA PRO B 78 5.32 -13.79 27.52
C PRO B 78 4.92 -12.33 27.37
N ARG B 79 3.96 -12.09 26.48
CA ARG B 79 3.38 -10.77 26.25
C ARG B 79 1.87 -10.85 26.49
N ALA B 80 1.23 -9.70 26.50
CA ALA B 80 -0.18 -9.64 26.87
C ALA B 80 -1.12 -10.25 25.83
N MET B 81 -0.66 -10.42 24.58
N MET B 81 -0.66 -10.43 24.59
CA MET B 81 -1.50 -10.97 23.52
CA MET B 81 -1.51 -10.99 23.55
C MET B 81 -0.70 -12.00 22.74
C MET B 81 -0.71 -11.98 22.72
N LYS B 82 -1.31 -13.15 22.47
CA LYS B 82 -0.61 -14.21 21.75
C LYS B 82 -0.18 -13.73 20.36
N GLN B 83 -0.95 -12.85 19.73
CA GLN B 83 -0.60 -12.28 18.45
C GLN B 83 0.69 -11.44 18.49
N TRP B 84 1.18 -11.09 19.67
CA TRP B 84 2.43 -10.34 19.78
C TRP B 84 3.64 -11.23 20.03
N GLU B 85 3.43 -12.51 20.28
CA GLU B 85 4.53 -13.39 20.70
C GLU B 85 5.16 -14.03 19.46
N ARG B 86 5.83 -13.17 18.70
CA ARG B 86 6.46 -13.58 17.45
C ARG B 86 7.29 -12.41 16.94
N ASP B 87 8.22 -12.72 16.04
CA ASP B 87 8.97 -11.67 15.36
C ASP B 87 8.01 -10.86 14.49
N LEU B 88 8.20 -9.55 14.43
CA LEU B 88 7.31 -8.66 13.71
C LEU B 88 8.12 -7.67 12.89
N THR B 89 7.64 -7.39 11.68
CA THR B 89 8.11 -6.23 10.94
C THR B 89 7.45 -4.98 11.50
N LEU B 90 7.89 -3.83 11.00
CA LEU B 90 7.27 -2.57 11.40
C LEU B 90 5.79 -2.57 11.01
N ARG B 91 5.48 -2.97 9.78
CA ARG B 91 4.06 -3.10 9.40
C ARG B 91 3.34 -4.08 10.32
N GLY B 92 3.93 -5.26 10.55
CA GLY B 92 3.28 -6.24 11.40
C GLY B 92 3.02 -5.72 12.79
N ALA B 93 3.99 -5.00 13.36
CA ALA B 93 3.81 -4.46 14.70
C ALA B 93 2.70 -3.39 14.73
N ILE B 94 2.62 -2.56 13.69
CA ILE B 94 1.57 -1.57 13.63
C ILE B 94 0.21 -2.24 13.42
N GLN B 95 0.16 -3.21 12.50
CA GLN B 95 -1.12 -3.82 12.17
C GLN B 95 -1.72 -4.56 13.34
N VAL B 96 -0.88 -5.26 14.13
CA VAL B 96 -1.40 -5.95 15.33
C VAL B 96 -1.33 -5.07 16.58
N SER B 97 -0.78 -3.86 16.46
N SER B 97 -0.86 -3.82 16.45
CA SER B 97 -0.74 -2.88 17.54
CA SER B 97 -0.74 -2.87 17.56
C SER B 97 0.06 -3.40 18.74
C SER B 97 0.04 -3.46 18.73
N ALA B 98 1.26 -3.90 18.44
CA ALA B 98 2.12 -4.59 19.43
C ALA B 98 2.74 -3.58 20.39
N VAL B 99 2.01 -3.32 21.48
CA VAL B 99 2.44 -2.36 22.49
C VAL B 99 3.92 -2.52 22.88
N PRO B 100 4.40 -3.71 23.24
CA PRO B 100 5.78 -3.81 23.78
C PRO B 100 6.84 -3.44 22.79
N VAL B 101 6.58 -3.61 21.49
CA VAL B 101 7.53 -3.18 20.47
C VAL B 101 7.69 -1.67 20.53
N PHE B 102 6.58 -0.96 20.62
CA PHE B 102 6.63 0.50 20.62
C PHE B 102 7.00 1.10 21.98
N GLN B 103 6.82 0.36 23.05
CA GLN B 103 7.38 0.79 24.32
C GLN B 103 8.90 0.79 24.27
N GLN B 104 9.49 -0.24 23.66
CA GLN B 104 10.94 -0.30 23.56
C GLN B 104 11.48 0.79 22.65
N ILE B 105 10.82 1.04 21.51
CA ILE B 105 11.17 2.16 20.64
C ILE B 105 11.19 3.47 21.42
N ALA B 106 10.11 3.77 22.16
CA ALA B 106 10.06 5.02 22.93
C ALA B 106 11.20 5.10 23.93
N ARG B 107 11.49 4.00 24.63
CA ARG B 107 12.58 3.99 25.60
C ARG B 107 13.90 4.38 24.96
N GLU B 108 14.16 3.84 23.77
CA GLU B 108 15.41 4.16 23.08
C GLU B 108 15.40 5.55 22.48
N VAL B 109 14.24 6.03 22.04
CA VAL B 109 14.15 7.43 21.61
C VAL B 109 14.51 8.36 22.76
N GLY B 110 13.94 8.13 23.92
CA GLY B 110 14.23 8.93 25.09
C GLY B 110 13.36 10.18 25.17
N GLU B 111 13.27 10.70 26.39
CA GLU B 111 12.37 11.81 26.66
C GLU B 111 12.75 13.08 25.90
N VAL B 112 14.03 13.43 25.89
CA VAL B 112 14.40 14.69 25.23
C VAL B 112 14.05 14.65 23.74
N ARG B 113 14.40 13.59 23.03
CA ARG B 113 14.08 13.54 21.61
C ARG B 113 12.57 13.42 21.37
N MET B 114 11.88 12.63 22.19
CA MET B 114 10.44 12.47 22.00
C MET B 114 9.74 13.83 22.16
N GLN B 115 10.16 14.60 23.15
CA GLN B 115 9.58 15.92 23.36
C GLN B 115 9.82 16.81 22.15
N LYS B 116 11.04 16.79 21.62
CA LYS B 116 11.37 17.64 20.47
C LYS B 116 10.50 17.33 19.27
N TYR B 117 10.29 16.03 18.99
CA TYR B 117 9.54 15.65 17.81
C TYR B 117 8.04 15.92 17.96
N LEU B 118 7.49 15.73 19.16
CA LEU B 118 6.08 16.03 19.32
C LEU B 118 5.83 17.52 19.20
N LYS B 119 6.82 18.34 19.52
CA LYS B 119 6.72 19.78 19.27
C LYS B 119 6.76 20.07 17.78
N LYS B 120 7.70 19.45 17.06
CA LYS B 120 7.77 19.67 15.61
C LYS B 120 6.49 19.21 14.93
N PHE B 121 5.93 18.10 15.40
CA PHE B 121 4.72 17.55 14.82
C PHE B 121 3.44 18.23 15.30
N SER B 122 3.53 19.17 16.23
CA SER B 122 2.35 19.75 16.90
C SER B 122 1.35 18.68 17.31
N TYR B 123 1.85 17.69 18.05
CA TYR B 123 1.06 16.51 18.35
C TYR B 123 0.36 16.65 19.69
N GLY B 124 -0.92 17.01 19.65
CA GLY B 124 -1.72 16.97 20.86
C GLY B 124 -1.26 18.04 21.85
N ASN B 125 -1.45 17.76 23.13
CA ASN B 125 -0.98 18.73 24.14
C ASN B 125 0.51 18.58 24.41
N GLN B 126 1.18 17.68 23.70
CA GLN B 126 2.62 17.50 23.76
C GLN B 126 3.10 17.19 25.17
N ASN B 127 2.25 16.60 26.01
CA ASN B 127 2.62 16.29 27.40
C ASN B 127 2.99 14.83 27.50
N ILE B 128 4.28 14.56 27.67
CA ILE B 128 4.73 13.18 27.73
C ILE B 128 5.04 12.74 29.15
N SER B 129 4.51 13.45 30.15
CA SER B 129 4.56 12.97 31.52
C SER B 129 3.84 11.63 31.64
N GLY B 130 4.26 10.85 32.61
CA GLY B 130 3.66 9.57 32.91
C GLY B 130 4.57 8.40 32.72
N GLY B 131 5.84 8.61 32.36
CA GLY B 131 6.72 7.51 32.02
C GLY B 131 6.94 7.44 30.52
N ILE B 132 8.19 7.25 30.10
CA ILE B 132 8.53 7.33 28.68
C ILE B 132 7.88 6.22 27.87
N ASP B 133 7.57 5.10 28.49
CA ASP B 133 6.97 3.98 27.77
C ASP B 133 5.48 3.83 28.06
N LYS B 134 4.83 4.86 28.58
CA LYS B 134 3.38 4.75 28.79
C LYS B 134 2.63 6.08 28.69
N PHE B 135 3.27 7.17 28.29
CA PHE B 135 2.56 8.45 28.37
C PHE B 135 1.36 8.49 27.44
N TRP B 136 1.37 7.71 26.36
CA TRP B 136 0.30 7.76 25.37
C TRP B 136 -0.83 6.78 25.66
N LEU B 137 -0.63 5.87 26.61
CA LEU B 137 -1.59 4.85 26.99
C LEU B 137 -2.25 5.16 28.32
N GLU B 138 -1.49 5.65 29.29
CA GLU B 138 -2.08 5.96 30.59
C GLU B 138 -1.55 7.23 31.22
N GLY B 139 -0.67 7.96 30.54
CA GLY B 139 -0.12 9.19 31.03
C GLY B 139 -0.97 10.38 30.65
N GLN B 140 -0.32 11.51 30.37
CA GLN B 140 -0.98 12.82 30.26
C GLN B 140 -1.12 13.30 28.82
N LEU B 141 -0.67 12.53 27.86
CA LEU B 141 -0.77 12.99 26.47
C LEU B 141 -2.24 12.90 26.02
N ARG B 142 -2.71 13.93 25.33
CA ARG B 142 -4.08 14.04 24.85
C ARG B 142 -4.05 14.66 23.46
N ILE B 143 -4.94 14.22 22.58
CA ILE B 143 -5.04 14.80 21.25
C ILE B 143 -6.50 14.76 20.82
N SER B 144 -6.91 15.75 20.05
CA SER B 144 -8.28 15.82 19.56
C SER B 144 -8.40 15.21 18.16
N ALA B 145 -9.65 14.98 17.75
CA ALA B 145 -9.90 14.47 16.42
C ALA B 145 -9.45 15.46 15.35
N VAL B 146 -9.66 16.75 15.60
CA VAL B 146 -9.21 17.77 14.65
C VAL B 146 -7.67 17.74 14.53
N ASN B 147 -6.98 17.67 15.66
CA ASN B 147 -5.51 17.59 15.61
C ASN B 147 -5.06 16.33 14.87
N GLN B 148 -5.78 15.21 15.06
CA GLN B 148 -5.41 14.00 14.35
C GLN B 148 -5.43 14.21 12.83
N VAL B 149 -6.50 14.83 12.30
CA VAL B 149 -6.58 14.97 10.84
C VAL B 149 -5.56 15.98 10.32
N GLU B 150 -5.20 16.99 11.14
CA GLU B 150 -4.14 17.93 10.78
C GLU B 150 -2.80 17.22 10.68
N PHE B 151 -2.50 16.38 11.68
CA PHE B 151 -1.29 15.58 11.65
C PHE B 151 -1.27 14.63 10.45
N LEU B 152 -2.38 13.94 10.20
CA LEU B 152 -2.41 12.97 9.10
C LEU B 152 -2.30 13.67 7.75
N GLU B 153 -2.87 14.87 7.62
CA GLU B 153 -2.69 15.60 6.38
C GLU B 153 -1.22 15.91 6.13
N SER B 154 -0.52 16.37 7.16
CA SER B 154 0.90 16.64 7.06
C SER B 154 1.68 15.39 6.66
N LEU B 155 1.33 14.24 7.26
CA LEU B 155 1.98 13.00 6.88
C LEU B 155 1.72 12.67 5.42
N TYR B 156 0.45 12.77 5.01
CA TYR B 156 0.10 12.46 3.64
C TYR B 156 0.89 13.32 2.67
N LEU B 157 1.12 14.59 3.04
CA LEU B 157 1.82 15.52 2.14
C LEU B 157 3.33 15.44 2.30
N ASN B 158 3.82 14.55 3.15
CA ASN B 158 5.24 14.46 3.46
C ASN B 158 5.78 15.76 4.04
N LYS B 159 4.93 16.48 4.80
CA LYS B 159 5.28 17.79 5.35
C LYS B 159 5.63 17.75 6.82
N LEU B 160 5.67 16.57 7.44
CA LEU B 160 6.18 16.49 8.79
C LEU B 160 7.68 16.77 8.77
N SER B 161 8.21 17.13 9.94
CA SER B 161 9.65 17.37 10.11
C SER B 161 10.39 16.04 10.20
N ALA B 162 10.36 15.32 9.08
CA ALA B 162 11.06 14.05 8.95
C ALA B 162 11.37 13.88 7.47
N SER B 163 12.24 12.92 7.15
CA SER B 163 12.57 12.71 5.75
C SER B 163 11.34 12.17 5.02
N LYS B 164 11.25 12.48 3.73
CA LYS B 164 10.15 11.92 2.95
C LYS B 164 10.22 10.41 2.96
N GLU B 165 11.43 9.87 2.89
CA GLU B 165 11.63 8.42 2.91
C GLU B 165 10.97 7.80 4.13
N ASN B 166 11.21 8.34 5.33
CA ASN B 166 10.64 7.75 6.52
C ASN B 166 9.12 7.98 6.58
N GLN B 167 8.63 9.09 6.05
CA GLN B 167 7.18 9.26 6.00
C GLN B 167 6.54 8.26 5.04
N LEU B 168 7.20 8.00 3.91
CA LEU B 168 6.70 6.99 2.99
C LEU B 168 6.73 5.60 3.63
N ILE B 169 7.78 5.30 4.39
CA ILE B 169 7.86 4.00 5.05
C ILE B 169 6.66 3.77 5.97
N VAL B 170 6.33 4.78 6.80
CA VAL B 170 5.23 4.64 7.74
C VAL B 170 3.89 4.59 7.02
N LYS B 171 3.75 5.35 5.94
CA LYS B 171 2.51 5.27 5.16
C LYS B 171 2.30 3.86 4.62
N GLU B 172 3.34 3.23 4.07
CA GLU B 172 3.14 1.88 3.55
C GLU B 172 2.67 0.95 4.65
N ALA B 173 3.19 1.16 5.85
CA ALA B 173 2.83 0.35 7.01
C ALA B 173 1.38 0.53 7.42
N LEU B 174 0.75 1.63 7.03
CA LEU B 174 -0.60 1.93 7.48
C LEU B 174 -1.68 1.56 6.47
N VAL B 175 -1.32 1.04 5.29
CA VAL B 175 -2.36 0.68 4.34
C VAL B 175 -3.21 -0.43 4.92
N THR B 176 -4.53 -0.25 4.93
CA THR B 176 -5.41 -1.29 5.47
C THR B 176 -6.48 -1.79 4.52
N GLU B 177 -6.78 -1.06 3.44
CA GLU B 177 -7.69 -1.58 2.43
C GLU B 177 -7.26 -1.03 1.09
N ALA B 178 -7.18 -1.91 0.10
CA ALA B 178 -6.74 -1.52 -1.22
C ALA B 178 -7.79 -1.99 -2.22
N ALA B 179 -8.34 -1.06 -2.97
CA ALA B 179 -9.24 -1.37 -4.07
C ALA B 179 -8.76 -0.61 -5.30
N PRO B 180 -9.21 -1.04 -6.48
CA PRO B 180 -8.80 -0.30 -7.68
C PRO B 180 -9.25 1.14 -7.65
N GLU B 181 -10.43 1.42 -7.08
CA GLU B 181 -10.98 2.77 -7.02
C GLU B 181 -10.48 3.58 -5.83
N TYR B 182 -10.09 2.95 -4.72
CA TYR B 182 -9.64 3.72 -3.56
C TYR B 182 -8.70 2.93 -2.68
N LEU B 183 -7.89 3.69 -1.93
CA LEU B 183 -6.91 3.18 -0.99
C LEU B 183 -7.13 3.81 0.38
N VAL B 184 -7.13 2.99 1.42
CA VAL B 184 -7.36 3.44 2.79
C VAL B 184 -6.08 3.19 3.59
N HIS B 185 -5.60 4.23 4.27
CA HIS B 185 -4.59 4.13 5.31
C HIS B 185 -5.26 4.40 6.66
N SER B 186 -5.01 3.55 7.66
CA SER B 186 -5.71 3.76 8.93
C SER B 186 -4.97 3.15 10.10
N LYS B 187 -5.37 3.58 11.30
CA LYS B 187 -4.86 3.03 12.55
C LYS B 187 -5.94 3.13 13.61
N THR B 188 -6.15 2.03 14.34
CA THR B 188 -7.02 1.97 15.50
C THR B 188 -6.29 2.33 16.80
N GLY B 189 -7.08 2.69 17.81
CA GLY B 189 -6.57 2.80 19.18
C GLY B 189 -7.66 2.48 20.17
N PHE B 190 -7.24 2.09 21.37
CA PHE B 190 -8.18 1.70 22.42
C PHE B 190 -7.46 1.85 23.76
N SER B 191 -7.89 2.81 24.58
CA SER B 191 -7.21 3.02 25.84
C SER B 191 -7.61 2.02 26.92
N GLY B 192 -8.66 1.24 26.72
CA GLY B 192 -9.22 0.39 27.76
C GLY B 192 -10.62 0.84 28.11
N VAL B 193 -11.23 0.09 29.03
CA VAL B 193 -12.65 0.33 29.34
C VAL B 193 -12.87 1.43 30.35
N GLY B 194 -11.82 1.98 30.95
CA GLY B 194 -11.96 3.13 31.83
C GLY B 194 -12.63 2.78 33.15
N THR B 195 -12.85 3.82 33.95
CA THR B 195 -13.38 3.68 35.31
C THR B 195 -14.89 3.91 35.30
N GLU B 196 -15.50 3.80 36.48
CA GLU B 196 -16.94 4.00 36.62
C GLU B 196 -17.28 5.46 36.31
N SER B 197 -18.10 5.68 35.28
CA SER B 197 -18.42 7.01 34.79
C SER B 197 -17.19 7.75 34.30
N ASN B 198 -16.14 7.02 33.90
CA ASN B 198 -14.92 7.62 33.35
C ASN B 198 -14.44 6.74 32.20
N PRO B 199 -15.23 6.59 31.15
CA PRO B 199 -14.97 5.53 30.17
C PRO B 199 -13.67 5.75 29.42
N GLY B 200 -13.20 4.66 28.81
CA GLY B 200 -12.06 4.73 27.93
C GLY B 200 -12.42 5.37 26.61
N VAL B 201 -11.43 5.46 25.72
CA VAL B 201 -11.61 5.97 24.37
C VAL B 201 -11.19 4.89 23.37
N ALA B 202 -11.92 4.82 22.26
CA ALA B 202 -11.51 4.06 21.10
C ALA B 202 -11.44 5.02 19.92
N TRP B 203 -10.45 4.79 19.05
CA TRP B 203 -10.16 5.62 17.90
C TRP B 203 -10.13 4.81 16.61
N TRP B 204 -10.47 5.45 15.50
CA TRP B 204 -10.05 4.99 14.16
C TRP B 204 -9.71 6.25 13.37
N VAL B 205 -8.46 6.36 12.91
CA VAL B 205 -8.03 7.54 12.17
C VAL B 205 -7.35 7.10 10.89
N GLY B 206 -7.34 7.98 9.90
CA GLY B 206 -6.68 7.62 8.64
C GLY B 206 -7.07 8.56 7.52
N TRP B 207 -6.84 8.08 6.29
CA TRP B 207 -7.26 8.84 5.12
C TRP B 207 -7.56 7.90 3.96
N VAL B 208 -8.39 8.39 3.05
CA VAL B 208 -8.83 7.66 1.86
C VAL B 208 -8.39 8.44 0.64
N GLU B 209 -7.73 7.74 -0.29
CA GLU B 209 -7.37 8.30 -1.59
C GLU B 209 -8.31 7.69 -2.61
N LYS B 210 -9.05 8.53 -3.32
CA LYS B 210 -10.06 8.07 -4.29
C LYS B 210 -10.07 9.00 -5.46
N GLU B 211 -9.90 8.47 -6.66
CA GLU B 211 -9.73 9.32 -7.84
C GLU B 211 -8.57 10.25 -7.48
N THR B 212 -8.68 11.56 -7.72
CA THR B 212 -7.64 12.49 -7.32
C THR B 212 -7.94 13.18 -5.99
N GLU B 213 -8.95 12.74 -5.27
CA GLU B 213 -9.35 13.35 -4.00
C GLU B 213 -8.71 12.60 -2.85
N VAL B 214 -8.57 13.29 -1.73
CA VAL B 214 -8.08 12.69 -0.50
C VAL B 214 -8.96 13.16 0.65
N TYR B 215 -9.37 12.21 1.48
CA TYR B 215 -10.26 12.45 2.63
C TYR B 215 -9.52 12.02 3.87
N PHE B 216 -9.39 12.91 4.83
CA PHE B 216 -8.76 12.61 6.10
C PHE B 216 -9.85 12.43 7.12
N PHE B 217 -9.69 11.46 8.01
CA PHE B 217 -10.76 11.20 8.97
C PHE B 217 -10.19 10.84 10.33
N ALA B 218 -11.01 11.11 11.35
CA ALA B 218 -10.69 10.71 12.70
C ALA B 218 -11.99 10.48 13.45
N PHE B 219 -12.10 9.30 14.07
CA PHE B 219 -13.25 8.89 14.84
C PHE B 219 -12.80 8.60 16.26
N ASN B 220 -13.60 9.02 17.25
CA ASN B 220 -13.40 8.47 18.58
C ASN B 220 -14.74 8.38 19.29
N MET B 221 -14.78 7.52 20.30
CA MET B 221 -15.99 7.25 21.05
C MET B 221 -15.62 6.85 22.46
N ASP B 222 -16.53 7.14 23.39
CA ASP B 222 -16.45 6.56 24.71
C ASP B 222 -16.67 5.05 24.63
N ILE B 223 -15.94 4.31 25.45
CA ILE B 223 -16.11 2.86 25.47
C ILE B 223 -15.88 2.37 26.89
N ASP B 224 -16.83 1.58 27.39
CA ASP B 224 -16.68 0.93 28.68
C ASP B 224 -16.76 -0.59 28.59
N ASN B 225 -16.83 -1.15 27.37
CA ASN B 225 -17.02 -2.58 27.19
C ASN B 225 -16.35 -2.96 25.88
N GLU B 226 -15.36 -3.86 25.94
CA GLU B 226 -14.66 -4.30 24.74
C GLU B 226 -15.63 -4.79 23.67
N SER B 227 -16.83 -5.21 24.03
CA SER B 227 -17.74 -5.75 23.03
C SER B 227 -18.17 -4.69 22.02
N LYS B 228 -18.04 -3.42 22.35
CA LYS B 228 -18.40 -2.32 21.45
C LYS B 228 -17.25 -1.92 20.53
N LEU B 229 -16.09 -2.54 20.68
CA LEU B 229 -14.92 -2.05 19.95
C LEU B 229 -15.10 -2.03 18.44
N PRO B 230 -15.80 -2.99 17.81
CA PRO B 230 -15.94 -2.93 16.35
C PRO B 230 -16.69 -1.70 15.84
N LEU B 231 -17.46 -1.04 16.71
CA LEU B 231 -18.13 0.18 16.27
C LEU B 231 -17.16 1.29 15.90
N ARG B 232 -15.90 1.24 16.37
CA ARG B 232 -14.97 2.30 15.99
C ARG B 232 -14.66 2.25 14.49
N LYS B 233 -14.86 1.12 13.84
CA LYS B 233 -14.74 1.07 12.38
C LYS B 233 -16.09 1.11 11.67
N SER B 234 -17.11 0.49 12.24
CA SER B 234 -18.33 0.35 11.47
C SER B 234 -19.13 1.65 11.41
N ILE B 235 -19.09 2.47 12.43
CA ILE B 235 -19.81 3.75 12.36
C ILE B 235 -19.14 4.64 11.32
N PRO B 236 -17.84 4.89 11.42
CA PRO B 236 -17.20 5.73 10.37
C PRO B 236 -17.29 5.11 8.98
N THR B 237 -17.26 3.79 8.86
CA THR B 237 -17.39 3.17 7.54
C THR B 237 -18.77 3.44 6.95
N LYS B 238 -19.82 3.35 7.77
CA LYS B 238 -21.16 3.61 7.28
C LYS B 238 -21.34 5.06 6.88
N ILE B 239 -20.70 5.99 7.60
CA ILE B 239 -20.79 7.39 7.22
C ILE B 239 -20.07 7.63 5.90
N MET B 240 -18.85 7.09 5.76
CA MET B 240 -18.14 7.27 4.51
C MET B 240 -18.79 6.50 3.36
N GLU B 241 -19.47 5.40 3.65
CA GLU B 241 -20.25 4.76 2.58
C GLU B 241 -21.44 5.63 2.16
N SER B 242 -22.15 6.21 3.13
CA SER B 242 -23.27 7.08 2.78
C SER B 242 -22.81 8.31 2.04
N GLU B 243 -21.56 8.73 2.24
CA GLU B 243 -21.00 9.86 1.51
C GLU B 243 -20.48 9.47 0.14
N GLY B 244 -20.55 8.19 -0.23
CA GLY B 244 -20.08 7.77 -1.53
C GLY B 244 -18.58 7.62 -1.67
N ILE B 245 -17.85 7.59 -0.56
CA ILE B 245 -16.39 7.56 -0.58
C ILE B 245 -15.86 6.13 -0.63
N ILE B 246 -16.47 5.23 0.13
N ILE B 246 -16.46 5.18 0.08
CA ILE B 246 -16.12 3.81 0.09
CA ILE B 246 -15.99 3.80 0.03
C ILE B 246 -17.42 3.03 0.12
C ILE B 246 -17.14 2.81 -0.12
C CO2 C . 2.71 5.65 -34.93
O1 CO2 C . 3.42 5.96 -35.86
O2 CO2 C . 2.00 5.33 -33.98
S SO4 D . -4.09 -4.70 -17.92
O1 SO4 D . -3.65 -6.08 -18.07
O2 SO4 D . -3.43 -3.82 -18.89
O3 SO4 D . -3.77 -4.22 -16.57
O4 SO4 D . -5.55 -4.70 -18.11
S SO4 E . 9.50 -13.75 -30.04
O1 SO4 E . 9.79 -15.04 -30.68
O2 SO4 E . 10.13 -12.68 -30.81
O3 SO4 E . 10.02 -13.74 -28.68
O4 SO4 E . 8.06 -13.55 -30.01
NA NA F . -6.01 5.87 -25.57
NA NA G . -7.86 -9.98 -14.41
C CO2 H . 18.16 12.73 16.76
O1 CO2 H . 17.10 13.36 16.77
O2 CO2 H . 19.21 12.12 16.77
S SO4 I . -5.75 -1.38 18.99
O1 SO4 I . -5.28 -1.39 17.62
O2 SO4 I . -6.43 -2.59 19.35
O3 SO4 I . -6.74 -0.31 19.13
O4 SO4 I . -4.61 -1.11 19.88
S SO4 J . -8.56 14.47 31.28
O1 SO4 J . -7.99 13.13 31.37
O2 SO4 J . -8.19 15.10 30.02
O3 SO4 J . -8.05 15.29 32.37
O4 SO4 J . -10.01 14.40 31.38
NA NA K . -6.97 19.47 7.95
#